data_7C6F
#
_entry.id   7C6F
#
_cell.length_a   58.210
_cell.length_b   63.100
_cell.length_c   103.790
_cell.angle_alpha   90.000
_cell.angle_beta   90.000
_cell.angle_gamma   90.000
#
_symmetry.space_group_name_H-M   'P 21 21 21'
#
loop_
_entity.id
_entity.type
_entity.pdbx_description
1 polymer 'Sugar ABC transporter, periplasmic sugar-binding protein'
2 non-polymer 'CHLORIDE ION'
3 non-polymer 'SULFITE ION'
4 non-polymer 'ACETATE ION'
5 non-polymer 1,2-ETHANEDIOL
6 non-polymer 'TRIETHYLENE GLYCOL'
7 water water
#
_entity_poly.entity_id   1
_entity_poly.type   'polypeptide(L)'
_entity_poly.pdbx_seq_one_letter_code
;MQKTLEVWIMPNSPQPAEDFKALVAPFEKAHGVEVKVTVLDWGVAWTKITTAATSGVGPDLTQLGTTWVGAISAMGVLEP
VDDVLEALGGEKAYLPAVWRTTRLEGARQATAVPWFSELRAFYYRTDALKAAGVNPAEMFASWQGFEAGLARLKASSFRD
PETKAPLAPLCTPGRTPRTLHNAAPWIWGAGGEIVRQAGGRWQSALNSPESLEGLYFFLSLAQKGYVPAESLEKNTAQIE
ADFQAGKCAVFASGPWMIQRAQVPEAKGGFAERTAAKNLGVAPYPAGPKGRYTFFGGSNLALFNFSKNKPLAKELLKYLG
GPEAQVRYAQMTGMLPALRSAWSDPSFQQNPLLRTFIQAAQFGRTYPSLAGWGGVENLAVQHLGMAWDLVAQGRLTREAL
KDLMDKASAAINQALRHHHHHH
;
_entity_poly.pdbx_strand_id   A
#
loop_
_chem_comp.id
_chem_comp.type
_chem_comp.name
_chem_comp.formula
ACT non-polymer 'ACETATE ION' 'C2 H3 O2 -1'
CL non-polymer 'CHLORIDE ION' 'Cl -1'
EDO non-polymer 1,2-ETHANEDIOL 'C2 H6 O2'
PGE non-polymer 'TRIETHYLENE GLYCOL' 'C6 H14 O4'
SO3 non-polymer 'SULFITE ION' 'O3 S -2'
#
# COMPACT_ATOMS: atom_id res chain seq x y z
N LYS A 3 -16.60 30.01 12.16
CA LYS A 3 -16.12 28.72 12.78
C LYS A 3 -15.95 27.61 11.72
N THR A 4 -14.86 27.61 10.94
CA THR A 4 -14.77 26.76 9.74
C THR A 4 -13.71 25.69 9.97
N LEU A 5 -14.08 24.49 9.56
CA LEU A 5 -13.25 23.30 9.71
C LEU A 5 -11.99 23.46 8.89
N GLU A 6 -10.94 22.91 9.44
CA GLU A 6 -9.62 22.87 8.81
C GLU A 6 -9.24 21.39 8.72
N VAL A 7 -8.95 20.97 7.50
CA VAL A 7 -8.47 19.59 7.24
C VAL A 7 -7.08 19.63 6.65
N TRP A 8 -6.24 18.72 7.13
CA TRP A 8 -4.91 18.53 6.55
C TRP A 8 -4.97 17.25 5.74
N ILE A 9 -4.50 17.30 4.49
CA ILE A 9 -4.36 16.09 3.64
C ILE A 9 -2.98 16.05 3.02
N MET A 10 -2.64 14.91 2.44
CA MET A 10 -1.43 14.70 1.63
C MET A 10 -1.85 14.61 0.18
N PRO A 11 -0.90 14.57 -0.75
CA PRO A 11 -1.28 14.65 -2.17
C PRO A 11 -1.73 13.32 -2.75
N ASN A 12 -3.01 13.06 -2.64
CA ASN A 12 -3.61 11.74 -2.92
C ASN A 12 -4.16 11.68 -4.33
N SER A 13 -4.26 12.81 -5.01
CA SER A 13 -4.94 12.91 -6.33
C SER A 13 -4.24 13.99 -7.14
N PRO A 14 -4.51 14.07 -8.47
CA PRO A 14 -3.74 14.94 -9.39
C PRO A 14 -3.75 16.40 -8.93
N GLN A 15 -4.87 16.86 -8.43
CA GLN A 15 -4.98 18.26 -7.94
C GLN A 15 -5.50 18.18 -6.52
N PRO A 16 -4.63 17.93 -5.53
CA PRO A 16 -5.12 17.48 -4.22
C PRO A 16 -6.17 18.38 -3.54
N ALA A 17 -5.86 19.66 -3.36
CA ALA A 17 -6.77 20.60 -2.68
C ALA A 17 -8.06 20.75 -3.46
N GLU A 18 -7.98 21.03 -4.78
CA GLU A 18 -9.22 21.23 -5.57
C GLU A 18 -10.07 19.96 -5.62
N ASP A 19 -9.43 18.79 -5.76
CA ASP A 19 -10.17 17.51 -5.80
C ASP A 19 -10.94 17.36 -4.48
N PHE A 20 -10.26 17.62 -3.37
CA PHE A 20 -10.84 17.48 -2.02
C PHE A 20 -11.99 18.48 -1.92
N LYS A 21 -11.80 19.72 -2.37
CA LYS A 21 -12.88 20.70 -2.27
C LYS A 21 -14.07 20.24 -3.11
N ALA A 22 -13.85 19.65 -4.29
CA ALA A 22 -14.97 19.15 -5.11
C ALA A 22 -15.64 17.97 -4.38
N LEU A 23 -14.83 17.15 -3.70
CA LEU A 23 -15.36 15.97 -2.94
C LEU A 23 -16.32 16.43 -1.84
N VAL A 24 -15.99 17.52 -1.11
CA VAL A 24 -16.82 17.92 0.04
C VAL A 24 -17.87 18.99 -0.31
N ALA A 25 -18.00 19.39 -1.56
CA ALA A 25 -18.98 20.41 -2.01
C ALA A 25 -20.39 20.05 -1.51
N PRO A 26 -20.88 18.81 -1.68
CA PRO A 26 -22.23 18.49 -1.19
C PRO A 26 -22.39 18.64 0.33
N PHE A 27 -21.32 18.32 1.10
CA PHE A 27 -21.34 18.49 2.56
C PHE A 27 -21.46 19.96 2.90
N GLU A 28 -20.61 20.79 2.29
CA GLU A 28 -20.59 22.26 2.50
C GLU A 28 -21.99 22.84 2.26
N LYS A 29 -22.63 22.41 1.18
CA LYS A 29 -23.99 22.91 0.85
C LYS A 29 -24.94 22.54 1.98
N ALA A 30 -24.95 21.28 2.43
CA ALA A 30 -25.94 20.77 3.40
C ALA A 30 -25.76 21.41 4.77
N HIS A 31 -24.55 21.85 5.10
CA HIS A 31 -24.22 22.33 6.46
C HIS A 31 -24.07 23.85 6.50
N GLY A 32 -24.12 24.53 5.34
CA GLY A 32 -23.89 25.98 5.15
C GLY A 32 -22.52 26.39 5.63
N VAL A 33 -21.49 25.60 5.27
CA VAL A 33 -20.13 25.81 5.82
C VAL A 33 -19.14 25.71 4.67
N GLU A 34 -18.01 26.37 4.86
CA GLU A 34 -16.80 26.18 4.03
C GLU A 34 -15.88 25.24 4.80
N VAL A 35 -15.24 24.30 4.10
CA VAL A 35 -14.18 23.48 4.72
C VAL A 35 -12.86 23.99 4.14
N LYS A 36 -11.87 24.26 4.98
CA LYS A 36 -10.55 24.75 4.51
C LYS A 36 -9.62 23.56 4.41
N VAL A 37 -8.86 23.46 3.34
CA VAL A 37 -7.91 22.35 3.17
C VAL A 37 -6.50 22.88 3.03
N THR A 38 -5.54 22.21 3.68
CA THR A 38 -4.11 22.44 3.46
C THR A 38 -3.49 21.12 3.04
N VAL A 39 -2.65 21.11 2.00
CA VAL A 39 -1.99 19.89 1.51
C VAL A 39 -0.57 19.90 2.05
N LEU A 40 -0.18 18.82 2.67
CA LEU A 40 1.16 18.59 3.21
C LEU A 40 1.86 17.59 2.29
N ASP A 41 3.06 17.91 1.83
CA ASP A 41 3.89 16.95 1.07
CA ASP A 41 3.85 16.95 1.05
C ASP A 41 4.14 15.74 1.97
N TRP A 42 4.16 14.54 1.42
CA TRP A 42 4.47 13.35 2.20
C TRP A 42 5.83 13.51 2.90
N GLY A 43 6.78 14.24 2.32
CA GLY A 43 8.13 14.45 2.87
C GLY A 43 8.07 15.10 4.25
N VAL A 44 7.08 15.93 4.51
CA VAL A 44 7.05 16.68 5.80
C VAL A 44 5.77 16.40 6.57
N ALA A 45 4.85 15.58 6.05
CA ALA A 45 3.54 15.41 6.68
C ALA A 45 3.72 14.89 8.13
N TRP A 46 4.56 13.88 8.29
CA TRP A 46 4.79 13.25 9.60
C TRP A 46 5.24 14.27 10.64
N THR A 47 6.24 15.10 10.33
CA THR A 47 6.74 16.12 11.27
C THR A 47 5.66 17.13 11.58
N LYS A 48 4.93 17.60 10.57
CA LYS A 48 3.87 18.60 10.75
C LYS A 48 2.80 18.04 11.68
N ILE A 49 2.45 16.78 11.53
CA ILE A 49 1.32 16.15 12.27
C ILE A 49 1.79 15.88 13.71
N THR A 50 3.02 15.41 13.95
CA THR A 50 3.57 15.16 15.30
C THR A 50 3.76 16.51 16.00
N THR A 51 4.11 17.57 15.26
CA THR A 51 4.25 18.92 15.86
C THR A 51 2.86 19.39 16.27
N ALA A 52 1.85 19.18 15.45
CA ALA A 52 0.46 19.56 15.81
C ALA A 52 0.09 18.81 17.09
N ALA A 53 0.36 17.52 17.12
CA ALA A 53 0.09 16.64 18.29
C ALA A 53 0.73 17.19 19.57
N THR A 54 2.00 17.53 19.54
CA THR A 54 2.69 17.93 20.78
C THR A 54 2.22 19.34 21.16
N SER A 55 1.96 20.24 20.19
CA SER A 55 1.77 21.67 20.47
C SER A 55 0.31 22.01 20.72
N GLY A 56 -0.61 21.25 20.15
CA GLY A 56 -2.05 21.61 20.14
C GLY A 56 -2.43 22.62 19.08
N VAL A 57 -1.49 22.92 18.20
CA VAL A 57 -1.72 23.91 17.12
C VAL A 57 -1.90 23.07 15.87
N GLY A 58 -3.09 23.06 15.33
CA GLY A 58 -3.30 22.23 14.15
C GLY A 58 -4.71 22.33 13.59
N PRO A 59 -5.03 21.42 12.68
CA PRO A 59 -6.33 21.37 12.05
C PRO A 59 -7.35 20.65 12.96
N ASP A 60 -8.60 20.59 12.51
CA ASP A 60 -9.63 19.75 13.16
C ASP A 60 -9.31 18.31 12.78
N LEU A 61 -9.34 18.04 11.48
CA LEU A 61 -9.12 16.69 10.90
C LEU A 61 -7.73 16.62 10.26
N THR A 62 -7.10 15.46 10.39
CA THR A 62 -5.88 15.21 9.59
C THR A 62 -5.95 13.84 8.95
N GLN A 63 -5.46 13.79 7.71
CA GLN A 63 -5.12 12.47 7.12
C GLN A 63 -3.99 11.84 7.91
N LEU A 64 -4.03 10.51 8.06
CA LEU A 64 -2.89 9.72 8.61
C LEU A 64 -2.64 8.55 7.68
N GLY A 65 -1.39 8.28 7.39
CA GLY A 65 -1.11 6.93 6.83
C GLY A 65 -1.60 5.85 7.79
N THR A 66 -2.12 4.71 7.28
CA THR A 66 -2.61 3.65 8.12
C THR A 66 -1.60 3.25 9.19
N THR A 67 -0.30 3.21 8.89
CA THR A 67 0.71 2.74 9.84
C THR A 67 1.03 3.81 10.89
N TRP A 68 0.50 5.02 10.76
CA TRP A 68 0.72 6.15 11.70
C TRP A 68 -0.26 6.15 12.87
N VAL A 69 -1.33 5.42 12.74
CA VAL A 69 -2.48 5.53 13.66
C VAL A 69 -2.03 5.11 15.06
N GLY A 70 -1.20 4.05 15.20
CA GLY A 70 -0.78 3.63 16.53
C GLY A 70 0.01 4.74 17.22
N ALA A 71 0.96 5.34 16.53
CA ALA A 71 1.87 6.29 17.17
C ALA A 71 1.07 7.52 17.60
N ILE A 72 0.26 8.07 16.70
CA ILE A 72 -0.47 9.32 17.04
C ILE A 72 -1.52 9.03 18.10
N SER A 73 -2.18 7.86 18.06
CA SER A 73 -3.18 7.48 19.09
C SER A 73 -2.50 7.37 20.46
N ALA A 74 -1.26 6.86 20.46
CA ALA A 74 -0.55 6.60 21.74
C ALA A 74 -0.06 7.95 22.29
N MET A 75 -0.04 9.04 21.54
CA MET A 75 0.31 10.39 22.05
C MET A 75 -0.89 11.02 22.79
N GLY A 76 -2.08 10.44 22.73
CA GLY A 76 -3.21 10.95 23.55
C GLY A 76 -3.98 12.08 22.94
N VAL A 77 -3.78 12.35 21.66
CA VAL A 77 -4.29 13.57 21.04
C VAL A 77 -5.49 13.29 20.13
N LEU A 78 -5.97 12.05 19.98
CA LEU A 78 -7.04 11.80 19.03
C LEU A 78 -8.37 11.55 19.75
N GLU A 79 -9.38 12.15 19.18
CA GLU A 79 -10.78 12.00 19.67
C GLU A 79 -11.26 10.60 19.32
N PRO A 80 -11.90 9.86 20.24
CA PRO A 80 -12.55 8.58 19.90
C PRO A 80 -13.60 8.77 18.80
N VAL A 81 -13.68 7.81 17.87
CA VAL A 81 -14.60 7.87 16.71
C VAL A 81 -15.36 6.55 16.56
N ASP A 82 -15.57 5.85 17.69
CA ASP A 82 -16.45 4.66 17.65
C ASP A 82 -17.83 5.02 17.11
N ASP A 83 -18.36 6.19 17.52
CA ASP A 83 -19.71 6.62 17.09
C ASP A 83 -19.75 6.73 15.57
N VAL A 84 -18.78 7.40 14.98
CA VAL A 84 -18.65 7.57 13.52
C VAL A 84 -18.60 6.20 12.84
N LEU A 85 -17.77 5.27 13.33
CA LEU A 85 -17.64 3.96 12.67
C LEU A 85 -18.96 3.21 12.82
N GLU A 86 -19.63 3.33 13.97
CA GLU A 86 -20.93 2.61 14.13
C GLU A 86 -21.93 3.14 13.12
N ALA A 87 -21.93 4.45 12.91
CA ALA A 87 -22.82 5.15 11.95
C ALA A 87 -22.55 4.63 10.55
N LEU A 88 -21.34 4.20 10.26
CA LEU A 88 -20.96 3.71 8.90
C LEU A 88 -21.20 2.21 8.74
N GLY A 89 -21.59 1.50 9.78
CA GLY A 89 -21.89 0.07 9.70
C GLY A 89 -21.06 -0.72 10.67
N GLY A 90 -20.14 -0.10 11.41
CA GLY A 90 -19.37 -0.85 12.42
C GLY A 90 -18.39 -1.80 11.79
N GLU A 91 -17.94 -2.80 12.54
CA GLU A 91 -16.77 -3.64 12.22
C GLU A 91 -17.08 -4.33 10.87
N LYS A 92 -18.29 -4.84 10.67
CA LYS A 92 -18.53 -5.64 9.44
C LYS A 92 -18.58 -4.74 8.19
N ALA A 93 -18.53 -3.43 8.29
CA ALA A 93 -18.53 -2.54 7.12
C ALA A 93 -17.12 -2.49 6.46
N TYR A 94 -16.12 -3.16 7.03
CA TYR A 94 -14.71 -3.09 6.58
C TYR A 94 -14.11 -4.47 6.46
N LEU A 95 -13.16 -4.58 5.55
CA LEU A 95 -12.25 -5.71 5.54
C LEU A 95 -11.50 -5.73 6.86
N PRO A 96 -11.30 -6.92 7.46
CA PRO A 96 -10.61 -6.97 8.74
C PRO A 96 -9.25 -6.26 8.79
N ALA A 97 -8.46 -6.39 7.74
CA ALA A 97 -7.15 -5.71 7.67
C ALA A 97 -7.37 -4.18 7.77
N VAL A 98 -8.43 -3.67 7.19
CA VAL A 98 -8.75 -2.22 7.25
C VAL A 98 -9.30 -1.86 8.64
N TRP A 99 -10.16 -2.69 9.22
CA TRP A 99 -10.61 -2.43 10.62
C TRP A 99 -9.41 -2.35 11.54
N ARG A 100 -8.35 -3.14 11.32
CA ARG A 100 -7.19 -3.17 12.21
C ARG A 100 -6.53 -1.79 12.31
N THR A 101 -6.71 -0.96 11.30
CA THR A 101 -6.04 0.37 11.15
C THR A 101 -6.84 1.46 11.88
N THR A 102 -7.97 1.14 12.55
CA THR A 102 -8.86 2.15 13.16
C THR A 102 -8.41 2.48 14.57
N ARG A 103 -7.42 1.81 15.09
CA ARG A 103 -7.03 2.01 16.50
C ARG A 103 -5.61 1.57 16.74
N LEU A 104 -5.05 2.00 17.86
CA LEU A 104 -3.84 1.39 18.42
C LEU A 104 -4.05 -0.10 18.67
N GLU A 105 -3.07 -0.90 18.30
CA GLU A 105 -3.19 -2.37 18.43
C GLU A 105 -3.61 -2.75 19.86
N GLY A 106 -4.70 -3.53 20.00
CA GLY A 106 -5.17 -3.92 21.32
C GLY A 106 -6.16 -2.99 21.96
N ALA A 107 -6.27 -1.76 21.47
CA ALA A 107 -7.22 -0.78 22.06
C ALA A 107 -8.68 -1.11 21.72
N ARG A 108 -9.58 -0.73 22.62
CA ARG A 108 -11.01 -0.96 22.42
C ARG A 108 -11.58 0.22 21.65
N GLN A 109 -11.03 1.42 21.82
CA GLN A 109 -11.63 2.67 21.26
C GLN A 109 -10.98 2.97 19.91
N ALA A 110 -11.78 3.23 18.89
CA ALA A 110 -11.37 3.65 17.55
C ALA A 110 -10.89 5.08 17.58
N THR A 111 -9.75 5.37 16.96
CA THR A 111 -9.22 6.72 16.87
C THR A 111 -9.06 7.14 15.42
N ALA A 112 -9.39 6.32 14.45
CA ALA A 112 -9.24 6.74 13.04
C ALA A 112 -10.34 6.13 12.20
N VAL A 113 -10.74 6.89 11.20
CA VAL A 113 -11.81 6.47 10.27
C VAL A 113 -11.16 6.08 8.95
N PRO A 114 -11.42 4.86 8.42
CA PRO A 114 -10.82 4.48 7.15
C PRO A 114 -11.25 5.38 5.98
N TRP A 115 -10.29 5.82 5.17
CA TRP A 115 -10.56 6.80 4.10
C TRP A 115 -10.40 6.08 2.78
N PHE A 116 -9.20 5.58 2.47
CA PHE A 116 -9.03 4.81 1.25
C PHE A 116 -7.89 3.81 1.43
N SER A 117 -7.92 2.79 0.59
CA SER A 117 -6.99 1.65 0.69
C SER A 117 -6.06 1.57 -0.49
N GLU A 118 -4.80 1.48 -0.18
CA GLU A 118 -3.76 1.02 -1.10
C GLU A 118 -3.74 -0.49 -0.99
N LEU A 119 -3.84 -1.21 -2.11
CA LEU A 119 -3.47 -2.65 -2.12
C LEU A 119 -2.72 -2.92 -3.40
N ARG A 120 -1.97 -4.01 -3.42
CA ARG A 120 -0.98 -4.25 -4.48
C ARG A 120 -1.25 -5.58 -5.14
N ALA A 121 -1.23 -5.58 -6.45
CA ALA A 121 -1.36 -6.81 -7.25
C ALA A 121 -0.40 -6.72 -8.43
N PHE A 122 -0.26 -7.81 -9.20
CA PHE A 122 0.72 -7.84 -10.32
C PHE A 122 0.03 -7.44 -11.61
N TYR A 123 0.54 -6.40 -12.22
CA TYR A 123 0.23 -6.10 -13.63
C TYR A 123 1.13 -6.99 -14.50
N TYR A 124 0.60 -7.39 -15.64
CA TYR A 124 1.45 -8.13 -16.59
C TYR A 124 1.02 -7.74 -18.01
N ARG A 125 1.96 -7.96 -18.90
CA ARG A 125 1.74 -7.78 -20.37
C ARG A 125 1.10 -9.07 -20.91
N THR A 126 -0.18 -9.00 -21.33
CA THR A 126 -0.94 -10.15 -21.88
C THR A 126 -0.23 -10.66 -23.11
N ASP A 127 0.33 -9.74 -23.89
CA ASP A 127 1.03 -10.11 -25.15
C ASP A 127 2.33 -10.84 -24.87
N ALA A 128 3.14 -10.35 -23.95
CA ALA A 128 4.40 -11.01 -23.52
C ALA A 128 4.09 -12.41 -22.98
N LEU A 129 3.08 -12.60 -22.14
CA LEU A 129 2.92 -13.96 -21.51
C LEU A 129 2.41 -14.92 -22.59
N LYS A 130 1.54 -14.42 -23.47
CA LYS A 130 1.01 -15.22 -24.61
C LYS A 130 2.20 -15.69 -25.46
N ALA A 131 3.12 -14.78 -25.82
CA ALA A 131 4.26 -15.09 -26.71
C ALA A 131 5.19 -16.10 -26.02
N ALA A 132 5.39 -16.01 -24.71
CA ALA A 132 6.32 -16.90 -23.97
C ALA A 132 5.68 -18.27 -23.66
N GLY A 133 4.39 -18.45 -23.92
CA GLY A 133 3.60 -19.66 -23.63
C GLY A 133 3.27 -19.80 -22.15
N VAL A 134 3.00 -18.68 -21.50
CA VAL A 134 2.71 -18.66 -20.04
C VAL A 134 1.22 -18.40 -19.86
N ASN A 135 0.53 -19.31 -19.17
CA ASN A 135 -0.87 -19.12 -18.74
C ASN A 135 -0.90 -18.22 -17.50
N PRO A 136 -1.57 -17.03 -17.53
CA PRO A 136 -1.60 -16.14 -16.39
C PRO A 136 -2.18 -16.78 -15.10
N ALA A 137 -3.24 -17.57 -15.26
CA ALA A 137 -3.86 -18.28 -14.12
C ALA A 137 -2.78 -19.13 -13.41
N GLU A 138 -1.97 -19.87 -14.14
CA GLU A 138 -0.92 -20.75 -13.56
C GLU A 138 0.19 -19.85 -13.00
N MET A 139 0.62 -18.82 -13.73
CA MET A 139 1.80 -18.05 -13.26
C MET A 139 1.47 -17.40 -11.89
N PHE A 140 0.27 -16.84 -11.74
CA PHE A 140 -0.08 -16.05 -10.53
C PHE A 140 -0.84 -16.91 -9.51
N ALA A 141 -0.90 -18.21 -9.66
CA ALA A 141 -1.57 -19.11 -8.69
C ALA A 141 -0.64 -19.45 -7.51
N SER A 142 0.65 -19.65 -7.72
CA SER A 142 1.56 -20.23 -6.70
C SER A 142 2.98 -19.72 -6.94
N TRP A 143 3.83 -19.84 -5.93
CA TRP A 143 5.27 -19.55 -6.06
C TRP A 143 5.89 -20.37 -7.19
N GLN A 144 5.54 -21.66 -7.33
CA GLN A 144 6.21 -22.47 -8.37
C GLN A 144 5.78 -21.97 -9.76
N GLY A 145 4.50 -21.63 -9.92
CA GLY A 145 3.94 -21.08 -11.18
C GLY A 145 4.58 -19.77 -11.51
N PHE A 146 4.84 -18.98 -10.46
CA PHE A 146 5.40 -17.63 -10.63
C PHE A 146 6.83 -17.72 -11.14
N GLU A 147 7.66 -18.51 -10.48
CA GLU A 147 9.06 -18.61 -10.89
C GLU A 147 9.12 -19.30 -12.25
N ALA A 148 8.27 -20.30 -12.52
CA ALA A 148 8.35 -20.99 -13.83
C ALA A 148 7.97 -20.00 -14.92
N GLY A 149 7.00 -19.13 -14.64
CA GLY A 149 6.57 -18.08 -15.58
C GLY A 149 7.72 -17.17 -15.92
N LEU A 150 8.44 -16.68 -14.91
CA LEU A 150 9.53 -15.70 -15.10
C LEU A 150 10.64 -16.36 -15.90
N ALA A 151 10.92 -17.63 -15.62
CA ALA A 151 11.89 -18.40 -16.44
C ALA A 151 11.47 -18.42 -17.93
N ARG A 152 10.21 -18.68 -18.23
CA ARG A 152 9.69 -18.68 -19.63
C ARG A 152 9.81 -17.29 -20.22
N LEU A 153 9.50 -16.26 -19.45
CA LEU A 153 9.61 -14.88 -19.94
C LEU A 153 11.07 -14.50 -20.19
N LYS A 154 12.01 -14.99 -19.37
CA LYS A 154 13.43 -14.66 -19.59
C LYS A 154 13.91 -15.25 -20.91
N ALA A 155 13.40 -16.42 -21.30
CA ALA A 155 13.88 -17.21 -22.47
C ALA A 155 13.13 -16.77 -23.74
N SER A 156 12.07 -16.00 -23.61
CA SER A 156 11.14 -15.65 -24.71
C SER A 156 11.89 -14.80 -25.74
N SER A 157 11.67 -15.07 -27.04
CA SER A 157 12.14 -14.21 -28.15
C SER A 157 11.26 -12.97 -28.33
N PHE A 158 10.18 -12.82 -27.56
CA PHE A 158 9.22 -11.70 -27.75
C PHE A 158 9.96 -10.37 -27.64
N ARG A 159 9.63 -9.39 -28.50
CA ARG A 159 10.15 -8.01 -28.34
C ARG A 159 9.00 -7.00 -28.27
N ASP A 160 9.17 -5.94 -27.48
CA ASP A 160 8.09 -4.92 -27.36
C ASP A 160 7.93 -4.30 -28.75
N PRO A 161 6.69 -4.13 -29.27
CA PRO A 161 6.50 -3.52 -30.60
C PRO A 161 7.15 -2.13 -30.80
N GLU A 162 7.07 -1.27 -29.79
CA GLU A 162 7.57 0.13 -29.81
C GLU A 162 9.05 0.15 -29.41
N THR A 163 9.51 -0.55 -28.37
CA THR A 163 10.94 -0.48 -27.97
C THR A 163 11.81 -1.32 -28.93
N LYS A 164 11.23 -2.32 -29.59
CA LYS A 164 12.00 -3.27 -30.43
C LYS A 164 13.05 -4.00 -29.59
N ALA A 165 12.85 -4.11 -28.28
CA ALA A 165 13.77 -4.79 -27.33
C ALA A 165 12.98 -5.80 -26.53
N PRO A 166 13.68 -6.80 -25.94
CA PRO A 166 13.10 -7.71 -24.98
C PRO A 166 12.55 -6.97 -23.76
N LEU A 167 11.65 -7.64 -23.05
CA LEU A 167 11.13 -7.11 -21.77
C LEU A 167 11.88 -7.81 -20.65
N ALA A 168 12.07 -7.08 -19.58
CA ALA A 168 12.46 -7.64 -18.26
C ALA A 168 11.31 -8.51 -17.78
N PRO A 169 11.59 -9.74 -17.28
CA PRO A 169 10.48 -10.56 -16.79
C PRO A 169 9.74 -9.90 -15.60
N LEU A 170 10.50 -9.37 -14.65
CA LEU A 170 9.93 -8.73 -13.46
C LEU A 170 10.69 -7.44 -13.20
N CYS A 171 9.99 -6.34 -12.95
CA CYS A 171 10.60 -5.10 -12.46
C CYS A 171 10.21 -4.95 -10.98
N THR A 172 11.22 -4.76 -10.14
CA THR A 172 10.98 -4.38 -8.73
C THR A 172 12.18 -3.56 -8.31
N PRO A 173 11.97 -2.51 -7.53
CA PRO A 173 13.06 -1.62 -7.13
C PRO A 173 13.93 -2.19 -6.01
N GLY A 174 15.25 -2.08 -6.14
CA GLY A 174 16.19 -2.59 -5.13
C GLY A 174 16.94 -1.48 -4.39
N ARG A 175 16.81 -0.26 -4.86
CA ARG A 175 17.59 0.89 -4.33
C ARG A 175 16.72 1.72 -3.40
N THR A 176 17.20 1.83 -2.16
CA THR A 176 16.65 2.71 -1.12
C THR A 176 15.23 2.26 -0.77
N PRO A 177 14.99 1.01 -0.31
CA PRO A 177 13.61 0.62 0.00
C PRO A 177 13.10 1.49 1.17
N ARG A 178 11.92 2.09 1.06
CA ARG A 178 11.43 2.92 2.15
C ARG A 178 10.36 2.14 2.91
N THR A 179 9.84 1.06 2.34
CA THR A 179 8.68 0.33 2.95
C THR A 179 8.91 -1.15 2.80
N LEU A 180 8.19 -1.94 3.61
CA LEU A 180 8.25 -3.40 3.46
C LEU A 180 7.18 -3.89 2.51
N HIS A 181 6.55 -3.01 1.73
CA HIS A 181 5.26 -3.41 1.11
C HIS A 181 5.52 -4.42 -0.01
N ASN A 182 6.66 -4.37 -0.66
CA ASN A 182 6.94 -5.33 -1.77
C ASN A 182 7.43 -6.68 -1.23
N ALA A 183 8.01 -6.70 -0.03
CA ALA A 183 8.51 -7.92 0.64
C ALA A 183 7.40 -8.65 1.41
N ALA A 184 6.52 -7.89 2.06
CA ALA A 184 5.56 -8.44 3.03
C ALA A 184 4.72 -9.59 2.47
N PRO A 185 4.19 -9.56 1.22
CA PRO A 185 3.34 -10.68 0.77
C PRO A 185 4.14 -12.00 0.72
N TRP A 186 5.39 -11.92 0.39
CA TRP A 186 6.29 -13.12 0.32
C TRP A 186 6.57 -13.64 1.73
N ILE A 187 6.97 -12.77 2.64
CA ILE A 187 7.07 -13.14 4.07
C ILE A 187 5.79 -13.83 4.58
N TRP A 188 4.64 -13.22 4.37
CA TRP A 188 3.37 -13.75 4.86
C TRP A 188 3.02 -15.07 4.18
N GLY A 189 3.19 -15.15 2.85
CA GLY A 189 2.84 -16.37 2.11
C GLY A 189 3.64 -17.55 2.60
N ALA A 190 4.86 -17.36 3.09
CA ALA A 190 5.70 -18.49 3.54
C ALA A 190 5.25 -18.93 4.93
N GLY A 191 4.41 -18.15 5.59
CA GLY A 191 3.96 -18.43 6.94
C GLY A 191 4.58 -17.49 7.96
N GLY A 192 5.38 -16.54 7.55
CA GLY A 192 6.15 -15.60 8.40
C GLY A 192 5.40 -14.30 8.62
N GLU A 193 6.06 -13.43 9.35
CA GLU A 193 5.52 -12.09 9.56
C GLU A 193 6.70 -11.18 9.89
N ILE A 194 6.41 -9.90 9.94
CA ILE A 194 7.46 -8.91 10.29
C ILE A 194 7.69 -8.92 11.81
N VAL A 195 6.62 -8.80 12.57
CA VAL A 195 6.64 -8.93 14.06
C VAL A 195 5.57 -9.92 14.47
N ARG A 196 5.72 -10.41 15.68
CA ARG A 196 4.73 -11.29 16.26
C ARG A 196 4.78 -11.13 17.76
N GLN A 197 3.67 -11.55 18.31
CA GLN A 197 3.55 -11.76 19.74
C GLN A 197 4.02 -13.22 19.98
N ALA A 198 5.08 -13.36 20.73
CA ALA A 198 5.66 -14.67 21.12
C ALA A 198 6.31 -14.43 22.48
N GLY A 199 6.27 -15.43 23.35
CA GLY A 199 7.15 -15.34 24.52
C GLY A 199 6.86 -14.07 25.30
N GLY A 200 5.58 -13.64 25.25
CA GLY A 200 5.07 -12.58 26.15
C GLY A 200 5.33 -11.18 25.60
N ARG A 201 5.87 -11.04 24.40
CA ARG A 201 6.35 -9.72 23.89
C ARG A 201 5.95 -9.55 22.41
N TRP A 202 5.99 -8.30 21.92
CA TRP A 202 6.15 -8.04 20.44
C TRP A 202 7.65 -8.15 20.11
N GLN A 203 7.96 -8.90 19.09
CA GLN A 203 9.36 -9.19 18.67
C GLN A 203 9.37 -9.23 17.16
N SER A 204 10.55 -9.01 16.60
CA SER A 204 10.81 -9.28 15.19
C SER A 204 10.60 -10.76 14.91
N ALA A 205 9.98 -11.02 13.79
CA ALA A 205 9.90 -12.37 13.25
C ALA A 205 10.63 -12.45 11.90
N LEU A 206 11.43 -11.43 11.54
CA LEU A 206 12.15 -11.41 10.26
C LEU A 206 13.16 -12.55 10.17
N ASN A 207 13.69 -13.05 11.30
CA ASN A 207 14.74 -14.10 11.27
C ASN A 207 14.11 -15.47 11.51
N SER A 208 12.77 -15.59 11.50
CA SER A 208 12.10 -16.92 11.58
C SER A 208 12.37 -17.69 10.28
N PRO A 209 12.52 -19.04 10.30
CA PRO A 209 12.78 -19.79 9.08
C PRO A 209 11.75 -19.45 8.01
N GLU A 210 10.49 -19.24 8.40
CA GLU A 210 9.41 -19.05 7.39
C GLU A 210 9.55 -17.63 6.82
N SER A 211 9.79 -16.64 7.68
CA SER A 211 10.03 -15.26 7.14
C SER A 211 11.25 -15.25 6.18
N LEU A 212 12.31 -15.96 6.55
CA LEU A 212 13.53 -16.05 5.69
C LEU A 212 13.24 -16.78 4.39
N GLU A 213 12.42 -17.83 4.42
CA GLU A 213 12.05 -18.55 3.18
C GLU A 213 11.35 -17.60 2.20
N GLY A 214 10.38 -16.84 2.69
CA GLY A 214 9.64 -15.95 1.81
C GLY A 214 10.51 -14.83 1.32
N LEU A 215 11.33 -14.23 2.20
CA LEU A 215 12.21 -13.13 1.78
C LEU A 215 13.27 -13.61 0.79
N TYR A 216 13.83 -14.79 1.01
CA TYR A 216 14.85 -15.38 0.11
C TYR A 216 14.22 -15.71 -1.25
N PHE A 217 13.01 -16.26 -1.26
CA PHE A 217 12.33 -16.64 -2.51
C PHE A 217 12.24 -15.40 -3.39
N PHE A 218 11.79 -14.28 -2.81
CA PHE A 218 11.57 -13.04 -3.58
C PHE A 218 12.93 -12.49 -4.09
N LEU A 219 13.85 -12.31 -3.14
CA LEU A 219 15.13 -11.62 -3.41
C LEU A 219 15.90 -12.46 -4.43
N SER A 220 15.88 -13.77 -4.28
CA SER A 220 16.61 -14.66 -5.22
C SER A 220 16.07 -14.55 -6.67
N LEU A 221 14.82 -14.11 -6.91
CA LEU A 221 14.30 -13.95 -8.30
C LEU A 221 15.20 -12.97 -9.03
N ALA A 222 15.63 -11.93 -8.32
CA ALA A 222 16.39 -10.85 -8.96
C ALA A 222 17.78 -11.41 -9.24
N GLN A 223 18.28 -12.24 -8.35
CA GLN A 223 19.66 -12.78 -8.43
C GLN A 223 19.74 -13.86 -9.51
N LYS A 224 18.60 -14.41 -9.95
CA LYS A 224 18.51 -15.45 -11.00
C LYS A 224 18.36 -14.81 -12.38
N GLY A 225 18.39 -13.49 -12.47
CA GLY A 225 18.34 -12.79 -13.76
C GLY A 225 16.91 -12.46 -14.18
N TYR A 226 15.91 -12.65 -13.29
CA TYR A 226 14.51 -12.30 -13.65
C TYR A 226 14.24 -10.83 -13.47
N VAL A 227 15.10 -10.15 -12.70
CA VAL A 227 15.01 -8.68 -12.53
C VAL A 227 16.32 -8.11 -13.07
N PRO A 228 16.29 -7.26 -14.10
CA PRO A 228 17.56 -6.75 -14.62
C PRO A 228 18.24 -5.79 -13.61
N ALA A 229 19.56 -5.72 -13.67
CA ALA A 229 20.36 -4.89 -12.77
C ALA A 229 19.79 -3.48 -12.78
N GLU A 230 19.34 -3.00 -13.95
CA GLU A 230 18.81 -1.62 -14.19
C GLU A 230 17.57 -1.36 -13.32
N SER A 231 16.72 -2.38 -13.12
CA SER A 231 15.57 -2.31 -12.19
CA SER A 231 15.57 -2.31 -12.19
C SER A 231 16.07 -2.24 -10.76
N LEU A 232 16.96 -3.18 -10.41
CA LEU A 232 17.56 -3.30 -9.06
C LEU A 232 18.09 -1.93 -8.62
N GLU A 233 18.76 -1.22 -9.53
CA GLU A 233 19.38 0.10 -9.32
C GLU A 233 18.37 1.22 -9.01
N LYS A 234 17.04 1.01 -9.14
CA LYS A 234 16.02 2.12 -9.23
C LYS A 234 15.02 2.21 -8.07
N ASN A 235 14.09 3.21 -8.20
CA ASN A 235 12.98 3.77 -7.36
C ASN A 235 11.59 3.40 -7.93
N THR A 236 10.49 4.02 -7.44
CA THR A 236 9.11 3.45 -7.50
C THR A 236 8.27 4.03 -8.66
N ALA A 237 8.46 5.30 -9.04
CA ALA A 237 7.75 5.95 -10.18
C ALA A 237 8.55 5.69 -11.46
N GLN A 238 9.81 5.30 -11.29
CA GLN A 238 10.67 4.92 -12.43
C GLN A 238 10.14 3.59 -12.99
N ILE A 239 9.78 2.67 -12.08
CA ILE A 239 9.34 1.31 -12.47
C ILE A 239 7.97 1.38 -13.11
N GLU A 240 7.08 2.26 -12.62
CA GLU A 240 5.83 2.55 -13.36
C GLU A 240 6.14 3.12 -14.74
N ALA A 241 7.08 4.05 -14.82
CA ALA A 241 7.48 4.65 -16.11
C ALA A 241 8.02 3.54 -17.01
N ASP A 242 8.82 2.64 -16.43
CA ASP A 242 9.43 1.46 -17.12
C ASP A 242 8.37 0.52 -17.67
N PHE A 243 7.35 0.17 -16.89
CA PHE A 243 6.26 -0.73 -17.35
C PHE A 243 5.51 -0.05 -18.48
N GLN A 244 5.07 1.18 -18.25
CA GLN A 244 4.43 2.05 -19.28
C GLN A 244 5.20 2.03 -20.58
N ALA A 245 6.54 2.14 -20.49
CA ALA A 245 7.49 2.30 -21.61
C ALA A 245 7.85 0.95 -22.24
N GLY A 246 7.29 -0.16 -21.75
CA GLY A 246 7.39 -1.46 -22.46
C GLY A 246 8.64 -2.22 -22.07
N LYS A 247 9.18 -1.92 -20.89
CA LYS A 247 10.47 -2.48 -20.42
C LYS A 247 10.26 -3.71 -19.50
N CYS A 248 9.05 -3.94 -18.99
CA CYS A 248 8.77 -4.91 -17.89
C CYS A 248 7.60 -5.78 -18.31
N ALA A 249 7.70 -7.09 -18.16
CA ALA A 249 6.53 -7.95 -18.43
C ALA A 249 5.59 -7.92 -17.23
N VAL A 250 6.16 -7.89 -16.03
CA VAL A 250 5.39 -8.05 -14.77
C VAL A 250 5.89 -7.00 -13.79
N PHE A 251 4.97 -6.38 -13.05
CA PHE A 251 5.35 -5.47 -11.96
C PHE A 251 4.16 -5.27 -11.04
N ALA A 252 4.48 -5.08 -9.76
CA ALA A 252 3.46 -4.94 -8.74
C ALA A 252 3.14 -3.47 -8.57
N SER A 253 1.84 -3.15 -8.51
CA SER A 253 1.40 -1.76 -8.24
C SER A 253 -0.03 -1.77 -7.71
N GLY A 254 -0.51 -0.58 -7.42
CA GLY A 254 -1.88 -0.38 -6.96
C GLY A 254 -2.82 -0.09 -8.11
N PRO A 255 -4.10 0.13 -7.79
CA PRO A 255 -5.15 0.23 -8.80
C PRO A 255 -5.09 1.48 -9.69
N TRP A 256 -4.25 2.45 -9.34
CA TRP A 256 -4.11 3.75 -10.04
C TRP A 256 -3.62 3.51 -11.47
N MET A 257 -2.86 2.42 -11.74
CA MET A 257 -2.35 2.22 -13.12
C MET A 257 -3.51 1.95 -14.12
N ILE A 258 -4.60 1.36 -13.65
CA ILE A 258 -5.77 1.05 -14.50
C ILE A 258 -6.33 2.34 -15.10
N GLN A 259 -6.60 3.34 -14.25
CA GLN A 259 -7.16 4.64 -14.65
C GLN A 259 -6.25 5.21 -15.73
N ARG A 260 -4.96 5.18 -15.41
CA ARG A 260 -3.89 5.80 -16.23
C ARG A 260 -3.82 5.12 -17.61
N ALA A 261 -3.97 3.80 -17.66
CA ALA A 261 -3.95 3.04 -18.92
C ALA A 261 -5.13 3.45 -19.80
N GLN A 262 -6.19 4.04 -19.23
CA GLN A 262 -7.49 4.21 -19.92
C GLN A 262 -7.56 5.58 -20.58
N VAL A 263 -6.57 6.43 -20.30
CA VAL A 263 -6.62 7.85 -20.78
C VAL A 263 -5.33 8.16 -21.51
N PRO A 264 -5.40 9.11 -22.47
CA PRO A 264 -4.27 9.45 -23.33
C PRO A 264 -3.19 10.26 -22.58
N GLU A 265 -2.01 10.37 -23.19
CA GLU A 265 -0.84 11.18 -22.73
C GLU A 265 -1.28 12.61 -22.36
N ALA A 266 -2.24 13.15 -23.11
CA ALA A 266 -2.86 14.49 -22.90
C ALA A 266 -3.15 14.71 -21.41
N LYS A 267 -3.93 13.81 -20.80
CA LYS A 267 -4.42 13.92 -19.37
C LYS A 267 -3.45 13.26 -18.37
N GLY A 268 -2.33 12.69 -18.83
CA GLY A 268 -1.30 12.06 -17.96
C GLY A 268 -1.43 10.55 -17.91
N GLY A 269 -2.01 9.94 -18.97
CA GLY A 269 -2.18 8.48 -19.12
C GLY A 269 -1.17 7.86 -20.08
N PHE A 270 -1.36 6.59 -20.43
CA PHE A 270 -0.50 5.87 -21.38
C PHE A 270 -1.37 4.97 -22.27
N ALA A 271 -2.62 5.36 -22.58
CA ALA A 271 -3.54 4.59 -23.43
C ALA A 271 -2.86 4.27 -24.76
N GLU A 272 -1.93 5.13 -25.21
CA GLU A 272 -1.23 5.02 -26.52
C GLU A 272 -0.22 3.85 -26.53
N ARG A 273 0.29 3.46 -25.36
CA ARG A 273 1.46 2.56 -25.27
C ARG A 273 0.97 1.11 -25.41
N THR A 274 1.80 0.26 -25.96
CA THR A 274 1.50 -1.20 -26.10
C THR A 274 1.08 -1.77 -24.75
N ALA A 275 1.69 -1.30 -23.67
CA ALA A 275 1.37 -1.79 -22.30
C ALA A 275 -0.13 -1.58 -21.98
N ALA A 276 -0.72 -0.42 -22.34
CA ALA A 276 -2.16 -0.14 -22.05
C ALA A 276 -3.06 -1.12 -22.79
N LYS A 277 -2.70 -1.43 -24.03
CA LYS A 277 -3.53 -2.25 -24.92
C LYS A 277 -3.30 -3.73 -24.63
N ASN A 278 -2.42 -4.09 -23.68
CA ASN A 278 -2.12 -5.53 -23.44
C ASN A 278 -1.91 -5.68 -21.94
N LEU A 279 -2.89 -5.21 -21.18
CA LEU A 279 -2.77 -5.03 -19.72
C LEU A 279 -3.61 -6.08 -19.02
N GLY A 280 -2.95 -6.85 -18.16
CA GLY A 280 -3.57 -7.83 -17.27
C GLY A 280 -3.25 -7.48 -15.85
N VAL A 281 -4.06 -8.03 -14.94
CA VAL A 281 -3.79 -7.86 -13.49
C VAL A 281 -4.06 -9.20 -12.87
N ALA A 282 -3.29 -9.57 -11.86
CA ALA A 282 -3.52 -10.81 -11.12
C ALA A 282 -3.19 -10.57 -9.64
N PRO A 283 -3.87 -11.20 -8.67
CA PRO A 283 -3.45 -11.10 -7.26
C PRO A 283 -2.07 -11.75 -7.12
N TYR A 284 -1.36 -11.43 -6.05
CA TYR A 284 -0.12 -12.12 -5.65
C TYR A 284 -0.41 -13.61 -5.61
N PRO A 285 0.57 -14.46 -5.96
CA PRO A 285 0.40 -15.90 -5.85
C PRO A 285 0.31 -16.35 -4.39
N ALA A 286 -0.32 -17.51 -4.21
CA ALA A 286 -0.32 -18.19 -2.90
C ALA A 286 1.07 -18.73 -2.60
N GLY A 287 1.54 -18.56 -1.37
CA GLY A 287 2.74 -19.23 -0.96
C GLY A 287 2.37 -20.55 -0.32
N PRO A 288 3.36 -21.20 0.28
CA PRO A 288 3.12 -22.52 0.84
C PRO A 288 2.15 -22.46 2.03
N LYS A 289 2.03 -21.31 2.69
CA LYS A 289 1.14 -21.16 3.85
C LYS A 289 0.13 -20.05 3.68
N GLY A 290 -0.23 -19.72 2.46
CA GLY A 290 -1.39 -18.86 2.26
C GLY A 290 -1.15 -17.83 1.18
N ARG A 291 -2.24 -17.14 0.87
CA ARG A 291 -2.25 -16.04 -0.12
C ARG A 291 -2.55 -14.75 0.62
N TYR A 292 -1.70 -13.74 0.43
CA TYR A 292 -1.89 -12.45 1.15
C TYR A 292 -1.64 -11.29 0.22
N THR A 293 -2.45 -10.25 0.40
CA THR A 293 -2.38 -8.98 -0.35
C THR A 293 -2.01 -7.87 0.62
N PHE A 294 -0.93 -7.12 0.34
CA PHE A 294 -0.55 -5.95 1.18
C PHE A 294 -1.64 -4.89 1.11
N PHE A 295 -2.06 -4.45 2.27
CA PHE A 295 -2.95 -3.28 2.45
C PHE A 295 -2.22 -2.15 3.17
N GLY A 296 -2.42 -0.96 2.63
CA GLY A 296 -1.99 0.32 3.18
C GLY A 296 -3.06 1.36 2.92
N GLY A 297 -2.63 2.61 2.77
CA GLY A 297 -3.52 3.71 2.45
C GLY A 297 -3.54 4.69 3.59
N SER A 298 -4.65 5.37 3.72
CA SER A 298 -4.81 6.47 4.70
C SER A 298 -6.19 6.46 5.30
N ASN A 299 -6.19 6.98 6.53
CA ASN A 299 -7.36 7.19 7.39
C ASN A 299 -7.47 8.67 7.73
N LEU A 300 -8.55 9.02 8.39
CA LEU A 300 -8.79 10.38 8.90
C LEU A 300 -8.86 10.30 10.41
N ALA A 301 -8.42 11.34 11.10
CA ALA A 301 -8.49 11.43 12.54
C ALA A 301 -8.88 12.86 12.93
N LEU A 302 -9.48 12.96 14.09
CA LEU A 302 -9.92 14.22 14.72
C LEU A 302 -9.05 14.50 15.93
N PHE A 303 -8.38 15.63 15.95
CA PHE A 303 -7.61 16.00 17.14
C PHE A 303 -8.56 16.35 18.27
N ASN A 304 -8.29 15.83 19.48
CA ASN A 304 -9.19 16.08 20.62
C ASN A 304 -9.06 17.50 21.15
N PHE A 305 -8.13 18.29 20.63
CA PHE A 305 -8.02 19.74 20.95
C PHE A 305 -8.86 20.59 19.99
N SER A 306 -9.42 20.00 18.96
CA SER A 306 -10.40 20.70 18.09
C SER A 306 -11.48 21.40 18.90
N LYS A 307 -11.81 22.60 18.45
CA LYS A 307 -12.98 23.34 18.97
C LYS A 307 -14.22 23.10 18.12
N ASN A 308 -14.17 22.23 17.11
CA ASN A 308 -15.42 21.95 16.35
C ASN A 308 -15.53 20.46 16.14
N LYS A 309 -15.51 19.73 17.23
CA LYS A 309 -15.59 18.25 17.18
C LYS A 309 -16.92 17.78 16.63
N PRO A 310 -18.08 18.38 16.99
CA PRO A 310 -19.34 17.88 16.46
C PRO A 310 -19.40 17.90 14.93
N LEU A 311 -19.07 19.07 14.35
CA LEU A 311 -19.17 19.22 12.89
C LEU A 311 -18.07 18.38 12.25
N ALA A 312 -16.89 18.29 12.88
CA ALA A 312 -15.79 17.47 12.33
C ALA A 312 -16.24 15.99 12.25
N LYS A 313 -16.96 15.49 13.22
CA LYS A 313 -17.47 14.10 13.21
C LYS A 313 -18.47 13.92 12.08
N GLU A 314 -19.29 14.95 11.79
CA GLU A 314 -20.20 14.88 10.65
CA GLU A 314 -20.20 14.81 10.65
C GLU A 314 -19.39 14.77 9.36
N LEU A 315 -18.27 15.50 9.27
CA LEU A 315 -17.48 15.45 8.05
C LEU A 315 -16.78 14.07 7.94
N LEU A 316 -16.37 13.46 9.02
CA LEU A 316 -15.79 12.09 9.00
C LEU A 316 -16.86 11.11 8.49
N LYS A 317 -18.09 11.22 8.98
CA LYS A 317 -19.21 10.36 8.52
CA LYS A 317 -19.15 10.30 8.50
C LYS A 317 -19.36 10.51 7.02
N TYR A 318 -19.31 11.75 6.55
CA TYR A 318 -19.48 12.01 5.09
C TYR A 318 -18.34 11.38 4.28
N LEU A 319 -17.09 11.70 4.66
CA LEU A 319 -15.88 11.24 3.92
C LEU A 319 -15.82 9.71 3.97
N GLY A 320 -16.25 9.15 5.07
CA GLY A 320 -16.22 7.71 5.29
C GLY A 320 -17.34 6.95 4.61
N GLY A 321 -18.39 7.65 4.16
CA GLY A 321 -19.64 7.08 3.63
C GLY A 321 -19.65 6.71 2.17
N PRO A 322 -20.71 6.02 1.71
CA PRO A 322 -20.74 5.50 0.35
C PRO A 322 -20.47 6.49 -0.78
N GLU A 323 -21.14 7.64 -0.82
CA GLU A 323 -21.00 8.51 -2.01
C GLU A 323 -19.56 9.03 -2.08
N ALA A 324 -19.06 9.61 -1.00
CA ALA A 324 -17.71 10.20 -0.98
C ALA A 324 -16.69 9.08 -1.16
N GLN A 325 -16.98 7.86 -0.67
CA GLN A 325 -16.03 6.73 -0.84
C GLN A 325 -15.84 6.42 -2.31
N VAL A 326 -16.94 6.29 -3.04
CA VAL A 326 -16.86 6.02 -4.48
C VAL A 326 -16.17 7.16 -5.20
N ARG A 327 -16.56 8.38 -4.89
CA ARG A 327 -16.02 9.55 -5.62
C ARG A 327 -14.52 9.68 -5.33
N TYR A 328 -14.08 9.59 -4.07
CA TYR A 328 -12.64 9.80 -3.76
C TYR A 328 -11.78 8.64 -4.28
N ALA A 329 -12.26 7.40 -4.25
CA ALA A 329 -11.53 6.30 -4.92
C ALA A 329 -11.23 6.63 -6.37
N GLN A 330 -12.17 7.19 -7.14
CA GLN A 330 -12.01 7.58 -8.57
C GLN A 330 -10.89 8.65 -8.64
N MET A 331 -10.99 9.67 -7.80
CA MET A 331 -10.02 10.75 -7.83
C MET A 331 -8.60 10.23 -7.55
N THR A 332 -8.41 9.29 -6.63
CA THR A 332 -7.09 8.88 -6.09
C THR A 332 -6.56 7.68 -6.88
N GLY A 333 -7.45 6.96 -7.56
CA GLY A 333 -7.07 5.66 -8.14
C GLY A 333 -6.87 4.58 -7.07
N MET A 334 -7.47 4.74 -5.91
CA MET A 334 -7.32 3.76 -4.82
C MET A 334 -8.59 2.93 -4.73
N LEU A 335 -8.63 1.98 -3.80
CA LEU A 335 -9.84 1.23 -3.47
C LEU A 335 -10.55 1.91 -2.30
N PRO A 336 -11.91 1.99 -2.29
CA PRO A 336 -12.60 2.52 -1.15
C PRO A 336 -12.18 1.73 0.08
N ALA A 337 -12.08 2.41 1.22
CA ALA A 337 -11.92 1.73 2.51
C ALA A 337 -13.25 1.16 2.96
N LEU A 338 -14.35 1.74 2.55
CA LEU A 338 -15.70 1.19 2.92
C LEU A 338 -16.04 0.04 1.97
N ARG A 339 -16.11 -1.19 2.51
CA ARG A 339 -16.22 -2.41 1.67
C ARG A 339 -17.50 -2.38 0.80
N SER A 340 -18.60 -1.76 1.24
CA SER A 340 -19.89 -1.68 0.49
C SER A 340 -19.70 -0.95 -0.85
N ALA A 341 -18.75 -0.01 -0.88
CA ALA A 341 -18.54 0.85 -2.06
C ALA A 341 -17.93 0.02 -3.21
N TRP A 342 -17.36 -1.13 -2.92
CA TRP A 342 -16.75 -1.98 -3.96
C TRP A 342 -17.80 -2.49 -4.95
N SER A 343 -19.09 -2.51 -4.58
CA SER A 343 -20.18 -2.98 -5.47
C SER A 343 -20.41 -1.96 -6.57
N ASP A 344 -19.95 -0.72 -6.40
CA ASP A 344 -20.29 0.36 -7.34
C ASP A 344 -19.88 -0.05 -8.77
N PRO A 345 -20.70 0.29 -9.81
CA PRO A 345 -20.37 -0.04 -11.21
C PRO A 345 -18.97 0.44 -11.64
N SER A 346 -18.52 1.55 -11.07
CA SER A 346 -17.16 2.07 -11.38
C SER A 346 -16.09 1.00 -11.13
N PHE A 347 -16.26 0.10 -10.14
CA PHE A 347 -15.39 -1.09 -9.96
C PHE A 347 -15.92 -2.29 -10.75
N GLN A 348 -17.22 -2.59 -10.64
CA GLN A 348 -17.73 -3.91 -11.08
C GLN A 348 -17.76 -4.02 -12.60
N GLN A 349 -17.77 -2.91 -13.33
CA GLN A 349 -17.84 -2.83 -14.83
C GLN A 349 -16.45 -2.82 -15.43
N ASN A 350 -15.41 -2.80 -14.60
CA ASN A 350 -14.00 -2.81 -15.04
C ASN A 350 -13.35 -4.13 -14.64
N PRO A 351 -13.03 -5.07 -15.55
CA PRO A 351 -12.52 -6.39 -15.15
C PRO A 351 -11.22 -6.26 -14.33
N LEU A 352 -10.36 -5.30 -14.62
CA LEU A 352 -9.07 -5.15 -13.88
C LEU A 352 -9.40 -4.73 -12.46
N LEU A 353 -10.37 -3.83 -12.26
CA LEU A 353 -10.78 -3.43 -10.86
C LEU A 353 -11.44 -4.60 -10.14
N ARG A 354 -12.28 -5.42 -10.82
CA ARG A 354 -12.81 -6.63 -10.16
C ARG A 354 -11.70 -7.55 -9.69
N THR A 355 -10.63 -7.65 -10.46
CA THR A 355 -9.47 -8.49 -10.04
C THR A 355 -8.83 -7.88 -8.79
N PHE A 356 -8.72 -6.58 -8.71
CA PHE A 356 -8.25 -5.94 -7.44
C PHE A 356 -9.19 -6.34 -6.30
N ILE A 357 -10.51 -6.28 -6.51
CA ILE A 357 -11.45 -6.69 -5.44
C ILE A 357 -11.24 -8.16 -5.08
N GLN A 358 -10.92 -9.04 -6.03
CA GLN A 358 -10.56 -10.45 -5.75
C GLN A 358 -9.33 -10.45 -4.85
N ALA A 359 -8.33 -9.65 -5.20
CA ALA A 359 -7.07 -9.56 -4.42
C ALA A 359 -7.36 -9.03 -3.00
N ALA A 360 -8.35 -8.13 -2.89
CA ALA A 360 -8.71 -7.51 -1.58
C ALA A 360 -9.15 -8.54 -0.55
N GLN A 361 -9.72 -9.67 -0.97
CA GLN A 361 -10.32 -10.69 -0.07
C GLN A 361 -9.16 -11.26 0.75
N PHE A 362 -7.94 -11.24 0.25
CA PHE A 362 -6.71 -11.76 0.93
C PHE A 362 -5.93 -10.64 1.64
N GLY A 363 -6.57 -9.50 1.90
CA GLY A 363 -5.87 -8.35 2.46
C GLY A 363 -5.31 -8.62 3.86
N ARG A 364 -4.12 -8.09 4.10
CA ARG A 364 -3.44 -8.18 5.40
C ARG A 364 -2.68 -6.88 5.60
N THR A 365 -2.51 -6.47 6.83
CA THR A 365 -1.67 -5.31 7.13
C THR A 365 -0.90 -5.55 8.43
N TYR A 366 0.02 -4.65 8.72
CA TYR A 366 0.89 -4.73 9.88
C TYR A 366 0.08 -4.45 11.15
N PRO A 367 0.52 -5.04 12.26
CA PRO A 367 0.02 -4.68 13.54
C PRO A 367 0.12 -3.17 13.73
N SER A 368 -0.88 -2.63 14.40
CA SER A 368 -1.05 -1.16 14.56
CA SER A 368 -1.06 -1.17 14.57
CA SER A 368 -1.01 -1.15 14.53
C SER A 368 -0.26 -0.70 15.79
N LEU A 369 1.03 -1.01 15.84
CA LEU A 369 1.90 -0.69 17.00
C LEU A 369 2.26 0.80 17.09
N ALA A 370 2.32 1.29 18.32
CA ALA A 370 2.77 2.69 18.56
C ALA A 370 4.14 2.94 17.97
N GLY A 371 5.01 1.94 18.02
CA GLY A 371 6.40 2.10 17.55
C GLY A 371 6.60 1.47 16.18
N TRP A 372 5.51 1.31 15.41
CA TRP A 372 5.59 0.68 14.07
C TRP A 372 6.65 1.36 13.20
N GLY A 373 6.73 2.68 13.19
CA GLY A 373 7.65 3.38 12.28
C GLY A 373 9.09 3.00 12.57
N GLY A 374 9.48 2.89 13.83
CA GLY A 374 10.83 2.45 14.19
C GLY A 374 11.12 1.05 13.71
N VAL A 375 10.19 0.13 13.88
CA VAL A 375 10.25 -1.27 13.41
C VAL A 375 10.45 -1.22 11.89
N GLU A 376 9.58 -0.52 11.20
CA GLU A 376 9.65 -0.60 9.69
C GLU A 376 10.98 0.10 9.23
N ASN A 377 11.42 1.19 9.84
CA ASN A 377 12.67 1.90 9.43
C ASN A 377 13.87 0.97 9.58
N LEU A 378 13.93 0.24 10.69
CA LEU A 378 15.03 -0.71 10.92
C LEU A 378 14.90 -1.90 9.95
N ALA A 379 13.68 -2.39 9.71
CA ALA A 379 13.48 -3.52 8.79
C ALA A 379 13.91 -3.12 7.38
N VAL A 380 13.46 -1.96 6.91
CA VAL A 380 13.80 -1.55 5.53
C VAL A 380 15.32 -1.31 5.39
N GLN A 381 15.98 -0.81 6.42
CA GLN A 381 17.44 -0.57 6.36
C GLN A 381 18.16 -1.87 6.12
N HIS A 382 17.76 -2.93 6.82
CA HIS A 382 18.36 -4.26 6.69
C HIS A 382 17.89 -4.92 5.40
N LEU A 383 16.65 -4.75 4.96
CA LEU A 383 16.22 -5.23 3.63
C LEU A 383 17.09 -4.57 2.54
N GLY A 384 17.42 -3.30 2.72
CA GLY A 384 18.26 -2.63 1.72
C GLY A 384 19.66 -3.23 1.72
N MET A 385 20.17 -3.70 2.87
CA MET A 385 21.48 -4.39 2.94
C MET A 385 21.36 -5.67 2.13
N ALA A 386 20.21 -6.33 2.21
CA ALA A 386 20.02 -7.58 1.48
C ALA A 386 19.98 -7.30 -0.02
N TRP A 387 19.28 -6.26 -0.43
CA TRP A 387 19.22 -5.89 -1.88
C TRP A 387 20.66 -5.59 -2.35
N ASP A 388 21.44 -4.96 -1.48
CA ASP A 388 22.83 -4.60 -1.87
C ASP A 388 23.60 -5.87 -2.18
N LEU A 389 23.44 -6.96 -1.42
CA LEU A 389 24.11 -8.23 -1.70
C LEU A 389 23.59 -8.80 -3.04
N VAL A 390 22.28 -8.73 -3.27
CA VAL A 390 21.73 -9.12 -4.60
C VAL A 390 22.43 -8.38 -5.76
N ALA A 391 22.69 -7.08 -5.64
CA ALA A 391 23.30 -6.21 -6.66
C ALA A 391 24.70 -6.72 -6.98
N GLN A 392 25.29 -7.49 -6.08
CA GLN A 392 26.65 -8.07 -6.25
C GLN A 392 26.53 -9.54 -6.57
N GLY A 393 25.31 -10.07 -6.64
CA GLY A 393 25.08 -11.52 -6.70
C GLY A 393 25.61 -12.30 -5.51
N ARG A 394 25.70 -11.71 -4.32
CA ARG A 394 26.26 -12.34 -3.08
C ARG A 394 25.21 -12.63 -2.01
N LEU A 395 23.91 -12.60 -2.34
CA LEU A 395 22.91 -13.02 -1.31
C LEU A 395 22.87 -14.53 -1.32
N THR A 396 23.21 -15.11 -0.17
CA THR A 396 22.99 -16.50 0.24
C THR A 396 21.93 -16.56 1.34
N ARG A 397 21.42 -17.75 1.62
CA ARG A 397 20.47 -17.89 2.72
C ARG A 397 21.16 -17.51 4.05
N GLU A 398 22.43 -17.89 4.21
CA GLU A 398 23.13 -17.61 5.49
C GLU A 398 23.31 -16.09 5.63
N ALA A 399 23.69 -15.41 4.56
CA ALA A 399 23.91 -13.95 4.57
C ALA A 399 22.58 -13.28 4.93
N LEU A 400 21.49 -13.67 4.27
CA LEU A 400 20.15 -13.07 4.60
C LEU A 400 19.83 -13.31 6.07
N LYS A 401 20.04 -14.54 6.56
CA LYS A 401 19.74 -14.86 7.97
C LYS A 401 20.53 -13.95 8.91
N ASP A 402 21.81 -13.75 8.61
CA ASP A 402 22.67 -12.88 9.45
C ASP A 402 22.13 -11.43 9.47
N LEU A 403 21.75 -10.90 8.31
CA LEU A 403 21.18 -9.52 8.17
C LEU A 403 19.87 -9.45 8.96
N MET A 404 19.03 -10.48 8.93
CA MET A 404 17.73 -10.41 9.64
C MET A 404 17.94 -10.66 11.14
N ASP A 405 18.97 -11.36 11.57
CA ASP A 405 19.28 -11.51 13.00
C ASP A 405 19.73 -10.14 13.54
N LYS A 406 20.54 -9.41 12.78
CA LYS A 406 20.88 -8.03 13.16
C LYS A 406 19.63 -7.13 13.17
N ALA A 407 18.77 -7.21 12.12
CA ALA A 407 17.48 -6.50 12.08
C ALA A 407 16.70 -6.77 13.37
N SER A 408 16.64 -8.05 13.74
CA SER A 408 15.76 -8.49 14.82
C SER A 408 16.26 -8.00 16.19
N ALA A 409 17.56 -8.01 16.39
CA ALA A 409 18.13 -7.47 17.63
C ALA A 409 17.77 -6.00 17.74
N ALA A 410 17.94 -5.24 16.66
CA ALA A 410 17.70 -3.80 16.65
C ALA A 410 16.22 -3.53 16.87
N ILE A 411 15.34 -4.27 16.20
CA ILE A 411 13.85 -4.10 16.32
C ILE A 411 13.45 -4.45 17.76
N ASN A 412 13.93 -5.56 18.27
CA ASN A 412 13.58 -6.04 19.65
C ASN A 412 13.98 -4.96 20.63
N GLN A 413 15.19 -4.38 20.50
CA GLN A 413 15.65 -3.28 21.36
C GLN A 413 14.71 -2.08 21.20
N ALA A 414 14.31 -1.75 19.98
CA ALA A 414 13.44 -0.58 19.76
C ALA A 414 12.07 -0.82 20.42
N LEU A 415 11.55 -2.04 20.31
CA LEU A 415 10.23 -2.42 20.89
C LEU A 415 10.30 -2.45 22.42
N ARG A 416 11.50 -2.52 22.99
CA ARG A 416 11.63 -2.45 24.48
C ARG A 416 11.63 -0.99 24.97
N HIS A 417 11.64 0.00 24.08
CA HIS A 417 11.79 1.46 24.43
C HIS A 417 10.57 2.20 23.86
N HIS A 418 10.06 3.24 24.55
CA HIS A 418 8.86 4.04 24.10
C HIS A 418 9.11 5.53 24.31
CL CL B . -4.43 -7.92 9.08
CL CL C . 3.46 -8.54 10.06
CL CL D . 11.56 -4.86 -1.47
CL CL E . 22.22 -20.36 -0.30
S SO3 F . 18.13 -2.86 25.83
O1 SO3 F . 18.69 -3.76 24.76
O2 SO3 F . 18.50 -1.47 25.35
O3 SO3 F . 16.63 -2.92 25.64
S SO3 G . 16.66 -10.27 21.57
O1 SO3 G . 16.32 -9.29 22.63
O2 SO3 G . 17.08 -9.48 20.39
O3 SO3 G . 17.95 -10.92 22.02
C ACT H . -5.34 -9.46 13.79
O ACT H . -5.01 -10.63 13.51
OXT ACT H . -4.97 -8.87 14.83
CH3 ACT H . -6.23 -8.70 12.81
C1 EDO I . -5.95 -13.88 11.79
O1 EDO I . -5.89 -12.49 11.50
C2 EDO I . -5.62 -14.74 10.61
O2 EDO I . -5.64 -16.13 10.90
C1 EDO J . 4.27 -1.11 20.51
O1 EDO J . 4.52 -2.45 20.88
C2 EDO J . 5.34 -0.47 19.96
O2 EDO J . 5.60 0.78 20.50
C1 PGE K . 4.04 7.07 0.81
O1 PGE K . 5.14 7.94 1.02
C2 PGE K . 2.83 7.80 0.37
O2 PGE K . 1.83 6.87 -0.03
C3 PGE K . 1.74 6.70 -1.44
C4 PGE K . 0.63 5.72 -1.78
O4 PGE K . 0.64 6.83 -6.42
C6 PGE K . 0.53 5.83 -5.44
C5 PGE K . 0.92 6.32 -4.08
O3 PGE K . 0.76 5.27 -3.13
#